data_6O5J
#
_entry.id   6O5J
#
_cell.length_a   36.630
_cell.length_b   56.830
_cell.length_c   68.800
_cell.angle_alpha   95.690
_cell.angle_beta   94.590
_cell.angle_gamma   108.740
#
_symmetry.space_group_name_H-M   'P 1'
#
loop_
_entity.id
_entity.type
_entity.pdbx_description
1 polymer 'Probable strigolactone esterase DAD2'
2 non-polymer 1-(4-hydroxy-3-nitrophenyl)quinazoline-2,4(1H,3H)-dione
3 non-polymer GLYCEROL
4 non-polymer 'ACETATE ION'
5 non-polymer DI(HYDROXYETHYL)ETHER
6 water water
#
_entity_poly.entity_id   1
_entity_poly.type   'polypeptide(L)'
_entity_poly.pdbx_seq_one_letter_code
;QTLLDALNVRVVGSGERVLVLAHGFGTDQSAWNRILPFFLRDYRVVLYDLVCAGSVNPDFFDFRRYTTLDPYVDDLLHIL
DALGIDQCAYVGHSVSAMIGILASIRRPELFSKLILIGASPRFLNDEDYHGGFEQGEIEKVFSAMEANYEAWVNGFAPLA
VGADVPAAVREFSRTLFNMRPDITLFVSRTVFNSDMRGVLGLVKVPCHIFQTARDHSVPASVATYLKNHLGGKNTVHWLN
IEGHLPHLSAPTLLAQELRRALSH
;
_entity_poly.pdbx_strand_id   A,B
#
loop_
_chem_comp.id
_chem_comp.type
_chem_comp.name
_chem_comp.formula
ACT non-polymer 'ACETATE ION' 'C2 H3 O2 -1'
GOL non-polymer GLYCEROL 'C3 H8 O3'
LM7 non-polymer 1-(4-hydroxy-3-nitrophenyl)quinazoline-2,4(1H,3H)-dione 'C14 H9 N3 O5'
PEG non-polymer DI(HYDROXYETHYL)ETHER 'C4 H10 O3'
#
# COMPACT_ATOMS: atom_id res chain seq x y z
N GLN A 1 10.31 -16.45 0.07
CA GLN A 1 9.99 -16.31 1.55
C GLN A 1 9.75 -14.84 1.92
N THR A 2 10.72 -13.92 1.73
CA THR A 2 10.36 -12.49 1.80
C THR A 2 9.48 -12.22 0.57
N LEU A 3 9.60 -12.95 -0.53
CA LEU A 3 8.66 -12.77 -1.67
C LEU A 3 7.26 -13.27 -1.25
N LEU A 4 7.18 -14.40 -0.57
CA LEU A 4 5.85 -14.91 -0.12
C LEU A 4 5.19 -13.84 0.76
N ASP A 5 5.94 -13.22 1.67
CA ASP A 5 5.41 -12.16 2.56
C ASP A 5 5.04 -10.93 1.71
N ALA A 6 5.91 -10.54 0.78
CA ALA A 6 5.74 -9.29 0.01
C ALA A 6 4.44 -9.37 -0.79
N LEU A 7 4.11 -10.55 -1.35
CA LEU A 7 2.96 -10.69 -2.25
C LEU A 7 1.79 -11.37 -1.51
N ASN A 8 1.83 -11.37 -0.18
CA ASN A 8 0.63 -11.76 0.59
C ASN A 8 0.17 -13.16 0.23
N VAL A 9 1.11 -14.08 0.06
CA VAL A 9 0.79 -15.48 -0.29
C VAL A 9 -0.01 -16.13 0.85
N ARG A 10 -1.14 -16.75 0.47
CA ARG A 10 -2.01 -17.44 1.46
C ARG A 10 -2.31 -18.85 0.91
N VAL A 11 -2.23 -19.83 1.79
CA VAL A 11 -2.54 -21.25 1.42
C VAL A 11 -3.61 -21.68 2.41
N VAL A 12 -4.78 -22.08 1.91
CA VAL A 12 -5.93 -22.48 2.76
C VAL A 12 -6.58 -23.73 2.15
N GLY A 13 -7.42 -24.38 2.90
CA GLY A 13 -8.26 -25.49 2.42
C GLY A 13 -7.78 -26.81 2.93
N SER A 14 -8.68 -27.78 2.89
CA SER A 14 -8.47 -29.10 3.53
C SER A 14 -7.96 -30.16 2.58
N GLY A 15 -8.02 -29.86 1.29
CA GLY A 15 -7.64 -30.84 0.26
C GLY A 15 -6.13 -30.89 0.05
N GLU A 16 -5.75 -31.64 -0.97
CA GLU A 16 -4.34 -31.91 -1.33
C GLU A 16 -4.11 -31.42 -2.76
N ARG A 17 -5.10 -31.55 -3.64
CA ARG A 17 -4.97 -31.06 -5.05
C ARG A 17 -4.86 -29.55 -5.02
N VAL A 18 -3.83 -29.01 -5.66
CA VAL A 18 -3.49 -27.59 -5.52
C VAL A 18 -4.28 -26.81 -6.55
N LEU A 19 -4.91 -25.71 -6.09
CA LEU A 19 -5.67 -24.80 -6.95
C LEU A 19 -5.15 -23.38 -6.72
N VAL A 20 -4.53 -22.78 -7.73
CA VAL A 20 -4.00 -21.42 -7.65
C VAL A 20 -5.07 -20.49 -8.18
N LEU A 21 -5.42 -19.44 -7.42
CA LEU A 21 -6.35 -18.39 -7.87
C LEU A 21 -5.56 -17.09 -8.00
N ALA A 22 -5.47 -16.57 -9.20
CA ALA A 22 -4.62 -15.44 -9.53
C ALA A 22 -5.47 -14.34 -10.13
N HIS A 23 -5.59 -13.25 -9.35
CA HIS A 23 -6.40 -12.08 -9.71
C HIS A 23 -5.75 -11.35 -10.88
N GLY A 24 -6.51 -10.43 -11.47
CA GLY A 24 -6.04 -9.59 -12.59
C GLY A 24 -6.02 -8.13 -12.27
N PHE A 25 -6.17 -7.36 -13.32
CA PHE A 25 -5.97 -5.91 -13.28
C PHE A 25 -6.98 -5.28 -12.33
N GLY A 26 -6.48 -4.37 -11.48
CA GLY A 26 -7.35 -3.48 -10.71
C GLY A 26 -7.88 -4.06 -9.45
N THR A 27 -7.57 -5.33 -9.16
N THR A 27 -7.55 -5.32 -9.15
CA THR A 27 -8.05 -6.08 -7.98
CA THR A 27 -7.99 -5.98 -7.91
C THR A 27 -6.86 -6.58 -7.14
C THR A 27 -6.82 -6.56 -7.11
N ASP A 28 -7.17 -7.37 -6.10
CA ASP A 28 -6.18 -8.15 -5.33
C ASP A 28 -6.80 -9.51 -5.06
N GLN A 29 -6.15 -10.33 -4.23
CA GLN A 29 -6.67 -11.69 -4.00
C GLN A 29 -8.06 -11.65 -3.35
N SER A 30 -8.49 -10.54 -2.74
CA SER A 30 -9.82 -10.42 -2.10
C SER A 30 -10.92 -10.60 -3.16
N ALA A 31 -10.62 -10.44 -4.43
CA ALA A 31 -11.65 -10.67 -5.49
C ALA A 31 -12.12 -12.12 -5.46
N TRP A 32 -11.32 -13.03 -4.94
CA TRP A 32 -11.72 -14.46 -4.85
C TRP A 32 -12.48 -14.77 -3.54
N ASN A 33 -12.78 -13.80 -2.67
CA ASN A 33 -13.31 -14.08 -1.32
C ASN A 33 -14.63 -14.86 -1.40
N ARG A 34 -15.49 -14.49 -2.31
CA ARG A 34 -16.81 -15.19 -2.42
C ARG A 34 -16.76 -16.53 -3.18
N ILE A 35 -15.73 -16.83 -3.99
CA ILE A 35 -15.46 -18.15 -4.64
C ILE A 35 -14.94 -19.11 -3.61
N LEU A 36 -14.01 -18.62 -2.81
CA LEU A 36 -13.14 -19.46 -1.95
C LEU A 36 -13.92 -20.49 -1.16
N PRO A 37 -15.08 -20.19 -0.50
CA PRO A 37 -15.71 -21.15 0.35
C PRO A 37 -16.05 -22.44 -0.40
N PHE A 38 -16.21 -22.36 -1.72
CA PHE A 38 -16.65 -23.50 -2.53
C PHE A 38 -15.50 -24.49 -2.84
N PHE A 39 -14.29 -24.17 -2.46
CA PHE A 39 -13.10 -24.97 -2.79
C PHE A 39 -12.33 -25.46 -1.54
N LEU A 40 -12.68 -24.97 -0.33
CA LEU A 40 -11.92 -25.32 0.86
C LEU A 40 -12.08 -26.79 1.23
N ARG A 41 -13.21 -27.47 0.97
CA ARG A 41 -13.43 -28.88 1.42
C ARG A 41 -12.48 -29.81 0.62
N ASP A 42 -12.23 -29.52 -0.65
CA ASP A 42 -11.60 -30.55 -1.52
C ASP A 42 -10.35 -30.05 -2.25
N TYR A 43 -9.84 -28.85 -1.99
CA TYR A 43 -8.61 -28.33 -2.62
C TYR A 43 -7.68 -27.79 -1.55
N ARG A 44 -6.43 -27.67 -1.94
CA ARG A 44 -5.43 -26.82 -1.25
C ARG A 44 -5.32 -25.57 -2.11
N VAL A 45 -5.89 -24.44 -1.63
CA VAL A 45 -5.96 -23.21 -2.45
C VAL A 45 -4.78 -22.29 -2.13
N VAL A 46 -4.19 -21.75 -3.18
CA VAL A 46 -3.00 -20.85 -3.10
C VAL A 46 -3.49 -19.57 -3.72
N LEU A 47 -3.38 -18.46 -2.94
CA LEU A 47 -3.73 -17.12 -3.47
C LEU A 47 -2.50 -16.23 -3.25
N TYR A 48 -2.37 -15.24 -4.12
CA TYR A 48 -1.31 -14.21 -3.93
C TYR A 48 -1.78 -12.93 -4.62
N ASP A 49 -1.09 -11.83 -4.29
CA ASP A 49 -1.33 -10.50 -4.93
C ASP A 49 -0.22 -10.27 -5.98
N LEU A 50 -0.62 -9.89 -7.20
CA LEU A 50 0.36 -9.34 -8.12
C LEU A 50 1.07 -8.15 -7.46
N VAL A 51 2.33 -7.96 -7.82
CA VAL A 51 3.12 -6.82 -7.22
C VAL A 51 2.46 -5.45 -7.42
N CYS A 52 1.63 -5.26 -8.42
CA CYS A 52 0.94 -3.98 -8.68
C CYS A 52 -0.32 -3.78 -7.80
N ALA A 53 -0.73 -4.78 -7.02
CA ALA A 53 -1.97 -4.68 -6.25
C ALA A 53 -1.81 -3.60 -5.21
N GLY A 54 -2.93 -2.91 -4.89
CA GLY A 54 -2.92 -1.85 -3.90
C GLY A 54 -2.64 -2.35 -2.50
N SER A 55 -2.74 -3.68 -2.29
CA SER A 55 -2.48 -4.37 -1.01
C SER A 55 -0.99 -4.65 -0.79
N VAL A 56 -0.18 -4.42 -1.84
CA VAL A 56 1.26 -4.70 -1.82
C VAL A 56 1.97 -3.36 -1.56
N ASN A 57 3.03 -3.38 -0.78
CA ASN A 57 3.83 -2.18 -0.50
C ASN A 57 4.28 -1.60 -1.82
N PRO A 58 3.98 -0.34 -2.16
CA PRO A 58 4.42 0.22 -3.44
C PRO A 58 5.94 0.30 -3.62
N ASP A 59 6.68 0.18 -2.54
CA ASP A 59 8.16 0.14 -2.57
C ASP A 59 8.61 -1.09 -3.36
N PHE A 60 7.81 -2.17 -3.45
CA PHE A 60 8.17 -3.37 -4.22
C PHE A 60 7.95 -3.18 -5.71
N PHE A 61 7.23 -2.17 -6.15
CA PHE A 61 6.93 -2.03 -7.58
C PHE A 61 8.09 -1.31 -8.30
N ASP A 62 9.04 -2.09 -8.77
CA ASP A 62 10.28 -1.57 -9.43
C ASP A 62 9.97 -1.31 -10.92
N PHE A 63 9.82 -0.04 -11.31
CA PHE A 63 9.45 0.34 -12.68
C PHE A 63 10.54 -0.13 -13.68
N ARG A 64 11.77 -0.35 -13.20
CA ARG A 64 12.89 -0.74 -14.09
C ARG A 64 12.75 -2.22 -14.38
N ARG A 65 12.11 -2.95 -13.51
CA ARG A 65 11.95 -4.42 -13.63
C ARG A 65 10.65 -4.81 -14.35
N TYR A 66 9.50 -4.31 -13.94
CA TYR A 66 8.19 -4.83 -14.34
C TYR A 66 7.71 -4.18 -15.63
N THR A 67 8.48 -4.36 -16.71
N THR A 67 8.47 -4.39 -16.71
CA THR A 67 8.23 -3.65 -18.00
CA THR A 67 8.24 -3.67 -17.99
C THR A 67 7.42 -4.50 -19.01
C THR A 67 7.42 -4.51 -19.01
N THR A 68 7.33 -5.83 -18.75
CA THR A 68 6.55 -6.78 -19.56
C THR A 68 5.93 -7.81 -18.63
N LEU A 69 5.20 -8.77 -19.17
CA LEU A 69 4.63 -9.78 -18.26
C LEU A 69 5.72 -10.74 -17.75
N ASP A 70 6.88 -10.89 -18.37
CA ASP A 70 7.86 -11.92 -17.93
C ASP A 70 8.22 -11.83 -16.44
N PRO A 71 8.57 -10.65 -15.86
CA PRO A 71 8.91 -10.61 -14.45
C PRO A 71 7.75 -10.96 -13.52
N TYR A 72 6.50 -10.79 -13.99
CA TYR A 72 5.34 -11.26 -13.20
C TYR A 72 5.34 -12.80 -13.20
N VAL A 73 5.68 -13.39 -14.33
CA VAL A 73 5.81 -14.86 -14.44
C VAL A 73 6.90 -15.33 -13.48
N ASP A 74 8.04 -14.64 -13.41
CA ASP A 74 9.11 -15.07 -12.51
C ASP A 74 8.58 -15.09 -11.04
N ASP A 75 7.77 -14.10 -10.66
CA ASP A 75 7.21 -14.01 -9.27
C ASP A 75 6.33 -15.27 -9.04
N LEU A 76 5.48 -15.57 -10.00
CA LEU A 76 4.54 -16.70 -9.86
C LEU A 76 5.34 -18.00 -9.73
N LEU A 77 6.30 -18.26 -10.60
CA LEU A 77 7.09 -19.50 -10.51
C LEU A 77 7.87 -19.54 -9.21
N HIS A 78 8.46 -18.42 -8.78
CA HIS A 78 9.17 -18.34 -7.48
C HIS A 78 8.22 -18.76 -6.34
N ILE A 79 6.99 -18.28 -6.35
CA ILE A 79 6.01 -18.66 -5.28
C ILE A 79 5.74 -20.18 -5.35
N LEU A 80 5.42 -20.72 -6.51
CA LEU A 80 5.08 -22.18 -6.58
C LEU A 80 6.28 -23.03 -6.16
N ASP A 81 7.50 -22.66 -6.63
CA ASP A 81 8.70 -23.39 -6.21
C ASP A 81 8.90 -23.24 -4.69
N ALA A 82 8.77 -22.07 -4.14
CA ALA A 82 8.98 -21.86 -2.68
C ALA A 82 8.00 -22.68 -1.84
N LEU A 83 6.77 -22.89 -2.35
CA LEU A 83 5.73 -23.66 -1.65
C LEU A 83 5.91 -25.15 -1.90
N GLY A 84 6.85 -25.55 -2.77
CA GLY A 84 7.11 -26.96 -3.09
C GLY A 84 5.97 -27.53 -3.89
N ILE A 85 5.31 -26.71 -4.71
CA ILE A 85 4.23 -27.22 -5.57
C ILE A 85 4.86 -27.88 -6.78
N ASP A 86 4.58 -29.15 -7.03
CA ASP A 86 5.15 -29.64 -8.33
C ASP A 86 4.03 -29.79 -9.36
N GLN A 87 2.74 -29.73 -8.99
CA GLN A 87 1.69 -29.68 -10.02
C GLN A 87 0.45 -29.00 -9.48
N CYS A 88 -0.20 -28.17 -10.27
CA CYS A 88 -1.43 -27.50 -9.80
C CYS A 88 -2.38 -27.25 -10.96
N ALA A 89 -3.63 -26.95 -10.63
CA ALA A 89 -4.57 -26.33 -11.57
C ALA A 89 -4.50 -24.83 -11.30
N TYR A 90 -4.48 -24.02 -12.33
CA TYR A 90 -4.29 -22.57 -12.20
C TYR A 90 -5.44 -21.87 -12.85
N VAL A 91 -6.02 -20.93 -12.10
CA VAL A 91 -7.11 -20.07 -12.57
C VAL A 91 -6.55 -18.65 -12.64
N GLY A 92 -6.52 -18.06 -13.81
CA GLY A 92 -6.04 -16.68 -13.96
C GLY A 92 -7.10 -15.82 -14.61
N HIS A 93 -7.41 -14.72 -13.96
CA HIS A 93 -8.35 -13.69 -14.47
C HIS A 93 -7.55 -12.61 -15.16
N SER A 94 -8.02 -12.11 -16.28
CA SER A 94 -7.47 -10.88 -16.91
C SER A 94 -5.97 -11.13 -17.23
N VAL A 95 -5.10 -10.24 -16.80
CA VAL A 95 -3.67 -10.37 -17.11
C VAL A 95 -3.09 -11.66 -16.52
N SER A 96 -3.63 -12.13 -15.41
CA SER A 96 -3.17 -13.42 -14.84
C SER A 96 -3.43 -14.62 -15.75
N ALA A 97 -4.38 -14.54 -16.67
CA ALA A 97 -4.52 -15.62 -17.68
C ALA A 97 -3.25 -15.69 -18.53
N MET A 98 -2.78 -14.51 -18.97
CA MET A 98 -1.57 -14.48 -19.85
C MET A 98 -0.34 -14.84 -19.04
N ILE A 99 -0.24 -14.39 -17.80
CA ILE A 99 0.86 -14.82 -16.91
C ILE A 99 0.90 -16.34 -16.82
N GLY A 100 -0.27 -17.00 -16.67
CA GLY A 100 -0.30 -18.44 -16.51
C GLY A 100 0.09 -19.14 -17.81
N ILE A 101 -0.35 -18.62 -18.93
CA ILE A 101 0.05 -19.16 -20.24
C ILE A 101 1.58 -19.13 -20.34
N LEU A 102 2.18 -17.99 -20.03
CA LEU A 102 3.65 -17.90 -20.15
C LEU A 102 4.33 -18.85 -19.18
N ALA A 103 3.87 -18.93 -17.94
CA ALA A 103 4.43 -19.81 -16.92
C ALA A 103 4.38 -21.25 -17.42
N SER A 104 3.29 -21.64 -18.08
N SER A 104 3.29 -21.63 -18.09
CA SER A 104 3.14 -23.03 -18.54
CA SER A 104 3.09 -23.01 -18.56
C SER A 104 4.11 -23.33 -19.69
C SER A 104 4.07 -23.32 -19.71
N ILE A 105 4.45 -22.33 -20.50
CA ILE A 105 5.44 -22.56 -21.57
C ILE A 105 6.82 -22.76 -20.92
N ARG A 106 7.10 -22.00 -19.88
CA ARG A 106 8.37 -22.16 -19.13
C ARG A 106 8.42 -23.50 -18.41
N ARG A 107 7.29 -23.89 -17.82
CA ARG A 107 7.25 -25.06 -16.90
C ARG A 107 6.03 -25.90 -17.25
N PRO A 108 6.08 -26.65 -18.38
CA PRO A 108 4.87 -27.32 -18.85
C PRO A 108 4.36 -28.41 -17.87
N GLU A 109 5.21 -28.93 -16.97
CA GLU A 109 4.85 -30.04 -16.01
C GLU A 109 4.13 -29.48 -14.77
N LEU A 110 4.26 -28.18 -14.49
CA LEU A 110 3.74 -27.56 -13.26
C LEU A 110 2.24 -27.45 -13.31
N PHE A 111 1.63 -27.40 -14.48
CA PHE A 111 0.17 -27.10 -14.57
C PHE A 111 -0.57 -28.32 -15.18
N SER A 112 -1.57 -28.85 -14.51
CA SER A 112 -2.45 -29.93 -15.08
C SER A 112 -3.43 -29.31 -16.05
N LYS A 113 -3.88 -28.10 -15.77
CA LYS A 113 -4.78 -27.34 -16.66
C LYS A 113 -4.75 -25.87 -16.21
N LEU A 114 -5.03 -25.03 -17.18
CA LEU A 114 -5.27 -23.61 -16.95
C LEU A 114 -6.71 -23.29 -17.18
N ILE A 115 -7.29 -22.51 -16.27
CA ILE A 115 -8.62 -21.92 -16.43
C ILE A 115 -8.42 -20.43 -16.60
N LEU A 116 -8.82 -19.90 -17.76
CA LEU A 116 -8.60 -18.50 -18.16
C LEU A 116 -9.93 -17.81 -18.09
N ILE A 117 -10.01 -16.69 -17.39
CA ILE A 117 -11.26 -15.94 -17.23
C ILE A 117 -11.05 -14.51 -17.73
N GLY A 118 -11.89 -14.03 -18.61
CA GLY A 118 -11.73 -12.67 -19.13
C GLY A 118 -10.35 -12.45 -19.81
N ALA A 119 -9.91 -13.48 -20.51
CA ALA A 119 -8.56 -13.58 -21.12
C ALA A 119 -8.53 -13.01 -22.55
N SER A 120 -7.46 -12.27 -22.81
CA SER A 120 -7.18 -11.77 -24.19
C SER A 120 -5.68 -11.75 -24.43
N PRO A 121 -5.23 -12.21 -25.64
CA PRO A 121 -3.82 -12.14 -25.96
C PRO A 121 -3.41 -10.80 -26.58
N ARG A 122 -4.39 -9.95 -26.91
CA ARG A 122 -4.14 -8.72 -27.67
C ARG A 122 -5.39 -7.87 -27.62
N PHE A 123 -5.25 -6.62 -27.17
CA PHE A 123 -6.39 -5.69 -27.07
C PHE A 123 -6.55 -4.80 -28.27
N LEU A 124 -5.43 -4.46 -28.95
CA LEU A 124 -5.44 -3.49 -30.07
C LEU A 124 -5.87 -4.21 -31.35
N ASN A 125 -6.70 -3.53 -32.13
CA ASN A 125 -7.20 -3.98 -33.43
C ASN A 125 -6.07 -3.87 -34.44
N ASP A 126 -6.04 -4.78 -35.39
CA ASP A 126 -5.24 -4.58 -36.63
C ASP A 126 -6.04 -5.12 -37.83
N GLU A 127 -5.43 -5.12 -39.04
CA GLU A 127 -6.19 -5.44 -40.25
C GLU A 127 -6.72 -6.86 -40.18
N ASP A 128 -6.03 -7.75 -39.47
CA ASP A 128 -6.35 -9.21 -39.43
C ASP A 128 -6.86 -9.65 -38.06
N TYR A 129 -7.02 -8.75 -37.10
CA TYR A 129 -7.33 -9.20 -35.72
C TYR A 129 -8.16 -8.13 -35.02
N HIS A 130 -9.29 -8.51 -34.42
CA HIS A 130 -10.16 -7.63 -33.62
C HIS A 130 -9.89 -7.90 -32.13
N GLY A 131 -9.29 -6.95 -31.42
CA GLY A 131 -9.12 -7.06 -29.96
C GLY A 131 -10.12 -6.24 -29.18
N GLY A 132 -10.75 -5.27 -29.83
CA GLY A 132 -11.77 -4.40 -29.22
C GLY A 132 -11.35 -2.94 -28.99
N PHE A 133 -10.07 -2.61 -29.16
CA PHE A 133 -9.56 -1.27 -28.86
C PHE A 133 -8.74 -0.75 -30.05
N GLU A 134 -8.89 0.57 -30.25
CA GLU A 134 -8.05 1.33 -31.20
C GLU A 134 -6.95 2.01 -30.38
N GLN A 135 -5.76 2.17 -30.98
CA GLN A 135 -4.61 2.83 -30.32
C GLN A 135 -4.98 4.23 -29.84
N GLY A 136 -5.72 5.00 -30.67
CA GLY A 136 -6.14 6.38 -30.35
C GLY A 136 -7.04 6.42 -29.14
N GLU A 137 -8.00 5.51 -29.08
CA GLU A 137 -8.93 5.38 -27.94
C GLU A 137 -8.13 5.14 -26.64
N ILE A 138 -7.16 4.21 -26.65
CA ILE A 138 -6.31 3.86 -25.47
C ILE A 138 -5.52 5.09 -25.00
N GLU A 139 -4.99 5.85 -25.95
CA GLU A 139 -4.20 7.06 -25.58
C GLU A 139 -5.08 8.01 -24.76
N LYS A 140 -6.33 8.17 -25.20
CA LYS A 140 -7.27 9.12 -24.57
C LYS A 140 -7.58 8.61 -23.16
N VAL A 141 -7.71 7.30 -23.02
CA VAL A 141 -7.85 6.65 -21.68
C VAL A 141 -6.69 7.05 -20.76
N PHE A 142 -5.45 6.87 -21.24
CA PHE A 142 -4.25 7.17 -20.41
C PHE A 142 -4.29 8.64 -19.96
N SER A 143 -4.70 9.53 -20.86
CA SER A 143 -4.80 10.98 -20.55
C SER A 143 -5.80 11.22 -19.44
N ALA A 144 -6.96 10.58 -19.54
CA ALA A 144 -8.03 10.74 -18.52
C ALA A 144 -7.52 10.23 -17.15
N MET A 145 -6.86 9.10 -17.17
CA MET A 145 -6.34 8.46 -15.95
C MET A 145 -5.35 9.41 -15.26
N GLU A 146 -4.48 10.02 -16.06
CA GLU A 146 -3.50 11.01 -15.57
C GLU A 146 -4.20 12.28 -15.08
N ALA A 147 -5.24 12.74 -15.77
CA ALA A 147 -5.92 14.01 -15.44
C ALA A 147 -6.58 13.92 -14.07
N ASN A 148 -7.27 12.84 -13.79
CA ASN A 148 -8.11 12.69 -12.58
C ASN A 148 -8.31 11.20 -12.30
N TYR A 149 -7.45 10.60 -11.47
CA TYR A 149 -7.46 9.15 -11.24
C TYR A 149 -8.81 8.72 -10.65
N GLU A 150 -9.31 9.46 -9.67
CA GLU A 150 -10.56 9.08 -8.99
C GLU A 150 -11.71 9.09 -10.00
N ALA A 151 -11.84 10.15 -10.77
CA ALA A 151 -12.90 10.27 -11.80
C ALA A 151 -12.76 9.09 -12.75
N TRP A 152 -11.53 8.76 -13.14
CA TRP A 152 -11.28 7.67 -14.12
C TRP A 152 -11.82 6.35 -13.52
N VAL A 153 -11.45 6.06 -12.27
CA VAL A 153 -11.91 4.82 -11.55
C VAL A 153 -13.43 4.81 -11.57
N ASN A 154 -14.05 5.91 -11.16
CA ASN A 154 -15.53 5.92 -11.01
C ASN A 154 -16.23 5.77 -12.35
N GLY A 155 -15.61 6.20 -13.45
CA GLY A 155 -16.20 6.02 -14.80
C GLY A 155 -15.96 4.60 -15.33
N PHE A 156 -14.83 3.99 -15.03
CA PHE A 156 -14.45 2.70 -15.63
C PHE A 156 -15.09 1.49 -14.87
N ALA A 157 -15.17 1.54 -13.55
CA ALA A 157 -15.64 0.39 -12.76
C ALA A 157 -17.02 -0.09 -13.22
N PRO A 158 -18.04 0.75 -13.46
CA PRO A 158 -19.33 0.25 -13.95
C PRO A 158 -19.22 -0.47 -15.32
N LEU A 159 -18.38 0.00 -16.20
CA LEU A 159 -18.14 -0.66 -17.51
C LEU A 159 -17.51 -2.06 -17.32
N ALA A 160 -16.51 -2.18 -16.46
CA ALA A 160 -15.81 -3.45 -16.16
C ALA A 160 -16.76 -4.43 -15.54
N VAL A 161 -17.59 -4.00 -14.60
CA VAL A 161 -18.56 -4.94 -13.99
C VAL A 161 -19.62 -5.29 -15.01
N GLY A 162 -20.08 -4.30 -15.79
CA GLY A 162 -20.99 -4.54 -16.91
C GLY A 162 -22.43 -4.71 -16.49
N ALA A 163 -22.74 -5.81 -15.84
CA ALA A 163 -24.07 -6.00 -15.23
C ALA A 163 -24.31 -4.95 -14.14
N ASP A 164 -25.58 -4.72 -13.83
CA ASP A 164 -26.03 -3.74 -12.80
C ASP A 164 -25.94 -4.43 -11.47
N VAL A 165 -24.73 -4.52 -10.98
CA VAL A 165 -24.41 -5.16 -9.67
C VAL A 165 -23.63 -4.12 -8.85
N PRO A 166 -24.37 -3.22 -8.16
CA PRO A 166 -23.69 -2.10 -7.50
C PRO A 166 -22.67 -2.52 -6.47
N ALA A 167 -22.85 -3.66 -5.79
CA ALA A 167 -21.83 -4.04 -4.78
C ALA A 167 -20.48 -4.33 -5.45
N ALA A 168 -20.53 -4.91 -6.65
CA ALA A 168 -19.31 -5.28 -7.36
C ALA A 168 -18.66 -3.99 -7.92
N VAL A 169 -19.43 -3.07 -8.39
CA VAL A 169 -18.93 -1.73 -8.84
C VAL A 169 -18.20 -1.07 -7.68
N ARG A 170 -18.77 -1.11 -6.47
CA ARG A 170 -18.12 -0.45 -5.30
C ARG A 170 -16.85 -1.21 -4.98
N GLU A 171 -16.89 -2.52 -5.06
CA GLU A 171 -15.73 -3.37 -4.66
C GLU A 171 -14.52 -3.20 -5.62
N PHE A 172 -14.78 -3.21 -6.91
CA PHE A 172 -13.74 -3.01 -7.94
C PHE A 172 -13.20 -1.60 -7.81
N SER A 173 -14.08 -0.61 -7.65
CA SER A 173 -13.66 0.81 -7.42
C SER A 173 -12.70 0.84 -6.24
N ARG A 174 -13.06 0.15 -5.18
CA ARG A 174 -12.27 0.13 -3.92
C ARG A 174 -10.85 -0.31 -4.23
N THR A 175 -10.68 -1.48 -4.83
CA THR A 175 -9.32 -2.01 -5.08
C THR A 175 -8.61 -1.15 -6.14
N LEU A 176 -9.32 -0.64 -7.15
CA LEU A 176 -8.62 0.22 -8.14
C LEU A 176 -8.15 1.47 -7.46
N PHE A 177 -8.94 2.08 -6.55
CA PHE A 177 -8.55 3.36 -5.93
C PHE A 177 -7.42 3.10 -4.93
N ASN A 178 -7.22 1.87 -4.49
CA ASN A 178 -6.08 1.58 -3.56
C ASN A 178 -4.75 1.45 -4.33
N MET A 179 -4.83 1.15 -5.62
CA MET A 179 -3.59 1.06 -6.44
C MET A 179 -3.02 2.46 -6.59
N ARG A 180 -1.70 2.59 -6.42
CA ARG A 180 -1.07 3.89 -6.59
C ARG A 180 -1.17 4.33 -8.05
N PRO A 181 -1.56 5.59 -8.36
CA PRO A 181 -1.87 5.94 -9.74
C PRO A 181 -0.72 5.73 -10.74
N ASP A 182 0.52 5.95 -10.28
CA ASP A 182 1.70 5.79 -11.14
C ASP A 182 1.81 4.34 -11.54
N ILE A 183 1.51 3.42 -10.59
CA ILE A 183 1.58 1.96 -10.84
C ILE A 183 0.46 1.63 -11.80
N THR A 184 -0.75 2.12 -11.53
CA THR A 184 -1.89 1.73 -12.36
C THR A 184 -1.60 2.13 -13.83
N LEU A 185 -1.12 3.34 -14.07
CA LEU A 185 -0.87 3.81 -15.46
C LEU A 185 0.15 2.92 -16.14
N PHE A 186 1.23 2.60 -15.43
CA PHE A 186 2.34 1.80 -16.00
C PHE A 186 1.83 0.39 -16.35
N VAL A 187 1.03 -0.19 -15.47
CA VAL A 187 0.51 -1.55 -15.65
C VAL A 187 -0.48 -1.47 -16.79
N SER A 188 -1.25 -0.41 -16.89
CA SER A 188 -2.26 -0.27 -17.97
C SER A 188 -1.51 -0.25 -19.31
N ARG A 189 -0.35 0.38 -19.34
CA ARG A 189 0.40 0.37 -20.65
C ARG A 189 0.93 -1.06 -20.89
N THR A 190 1.35 -1.80 -19.87
CA THR A 190 1.80 -3.19 -19.98
C THR A 190 0.69 -4.02 -20.60
N VAL A 191 -0.48 -3.89 -20.06
CA VAL A 191 -1.70 -4.59 -20.54
C VAL A 191 -1.96 -4.27 -22.03
N PHE A 192 -2.08 -3.00 -22.38
CA PHE A 192 -2.47 -2.60 -23.76
C PHE A 192 -1.35 -2.89 -24.78
N ASN A 193 -0.10 -2.91 -24.31
CA ASN A 193 1.06 -3.18 -25.18
C ASN A 193 1.25 -4.69 -25.34
N SER A 194 0.60 -5.53 -24.54
CA SER A 194 0.81 -6.99 -24.56
C SER A 194 0.47 -7.55 -25.94
N ASP A 195 1.20 -8.57 -26.35
CA ASP A 195 0.86 -9.32 -27.54
C ASP A 195 1.30 -10.76 -27.33
N MET A 196 0.34 -11.61 -26.95
CA MET A 196 0.62 -13.00 -26.65
C MET A 196 0.21 -13.84 -27.84
N ARG A 197 -0.16 -13.25 -29.00
CA ARG A 197 -0.67 -14.11 -30.12
C ARG A 197 0.41 -15.09 -30.61
N GLY A 198 1.70 -14.70 -30.65
CA GLY A 198 2.73 -15.55 -31.22
C GLY A 198 3.11 -16.73 -30.35
N VAL A 199 2.70 -16.75 -29.08
CA VAL A 199 3.13 -17.80 -28.14
C VAL A 199 1.99 -18.77 -27.83
N LEU A 200 0.75 -18.49 -28.24
CA LEU A 200 -0.37 -19.37 -27.83
C LEU A 200 -0.16 -20.80 -28.26
N GLY A 201 0.36 -21.00 -29.46
CA GLY A 201 0.54 -22.36 -29.96
C GLY A 201 1.59 -23.15 -29.21
N LEU A 202 2.45 -22.49 -28.44
CA LEU A 202 3.48 -23.16 -27.65
C LEU A 202 2.88 -23.82 -26.40
N VAL A 203 1.70 -23.40 -25.98
CA VAL A 203 1.00 -24.00 -24.79
C VAL A 203 0.60 -25.43 -25.12
N LYS A 204 0.90 -26.35 -24.21
CA LYS A 204 0.51 -27.76 -24.42
C LYS A 204 -0.44 -28.29 -23.36
N VAL A 205 -0.62 -27.57 -22.26
N VAL A 205 -0.63 -27.60 -22.24
CA VAL A 205 -1.54 -27.86 -21.13
CA VAL A 205 -1.56 -28.08 -21.20
C VAL A 205 -2.98 -27.63 -21.62
C VAL A 205 -2.97 -27.66 -21.63
N PRO A 206 -3.97 -28.41 -21.18
CA PRO A 206 -5.34 -28.12 -21.55
C PRO A 206 -5.80 -26.78 -20.91
N CYS A 207 -6.55 -25.98 -21.70
CA CYS A 207 -7.08 -24.66 -21.30
C CYS A 207 -8.60 -24.66 -21.37
N HIS A 208 -9.22 -24.24 -20.27
CA HIS A 208 -10.65 -23.88 -20.24
C HIS A 208 -10.73 -22.36 -20.34
N ILE A 209 -11.47 -21.90 -21.34
CA ILE A 209 -11.60 -20.47 -21.67
C ILE A 209 -12.97 -20.03 -21.21
N PHE A 210 -13.02 -19.34 -20.08
CA PHE A 210 -14.28 -18.82 -19.52
C PHE A 210 -14.55 -17.45 -20.14
N GLN A 211 -15.63 -17.31 -20.85
CA GLN A 211 -15.99 -16.06 -21.56
C GLN A 211 -17.38 -15.65 -21.09
N THR A 212 -17.47 -14.44 -20.55
CA THR A 212 -18.76 -13.83 -20.19
C THR A 212 -19.41 -13.16 -21.39
N ALA A 213 -20.67 -12.75 -21.21
CA ALA A 213 -21.45 -12.01 -22.18
C ALA A 213 -21.15 -10.55 -21.98
N ARG A 214 -21.03 -9.81 -23.07
CA ARG A 214 -20.86 -8.34 -23.05
C ARG A 214 -19.68 -7.93 -22.16
N ASP A 215 -18.55 -8.53 -22.37
CA ASP A 215 -17.31 -8.25 -21.63
C ASP A 215 -16.65 -7.10 -22.38
N HIS A 216 -16.64 -5.92 -21.73
CA HIS A 216 -16.11 -4.67 -22.32
C HIS A 216 -14.64 -4.84 -22.73
N SER A 217 -13.86 -5.68 -22.04
CA SER A 217 -12.39 -5.85 -22.26
C SER A 217 -12.13 -6.90 -23.37
N VAL A 218 -13.07 -7.83 -23.61
CA VAL A 218 -12.83 -9.08 -24.36
C VAL A 218 -14.02 -9.33 -25.27
N PRO A 219 -13.93 -9.00 -26.56
CA PRO A 219 -14.96 -9.43 -27.52
C PRO A 219 -15.07 -10.97 -27.57
N ALA A 220 -16.26 -11.46 -27.90
CA ALA A 220 -16.57 -12.91 -28.02
C ALA A 220 -15.63 -13.57 -29.00
N SER A 221 -15.26 -12.86 -30.06
CA SER A 221 -14.37 -13.44 -31.06
C SER A 221 -12.98 -13.74 -30.47
N VAL A 222 -12.56 -13.00 -29.44
CA VAL A 222 -11.22 -13.26 -28.83
C VAL A 222 -11.24 -14.61 -28.08
N ALA A 223 -12.37 -14.97 -27.46
CA ALA A 223 -12.44 -16.30 -26.79
C ALA A 223 -12.30 -17.41 -27.88
N THR A 224 -12.96 -17.23 -29.01
CA THR A 224 -12.84 -18.13 -30.18
C THR A 224 -11.40 -18.18 -30.66
N TYR A 225 -10.76 -17.02 -30.73
CA TYR A 225 -9.34 -16.94 -31.16
C TYR A 225 -8.47 -17.79 -30.23
N LEU A 226 -8.68 -17.68 -28.91
CA LEU A 226 -7.86 -18.47 -27.97
C LEU A 226 -8.14 -19.96 -28.23
N LYS A 227 -9.40 -20.33 -28.42
CA LYS A 227 -9.73 -21.76 -28.64
C LYS A 227 -9.01 -22.29 -29.87
N ASN A 228 -8.90 -21.48 -30.92
CA ASN A 228 -8.28 -21.90 -32.20
C ASN A 228 -6.74 -21.97 -32.09
N HIS A 229 -6.15 -21.12 -31.28
CA HIS A 229 -4.69 -20.91 -31.29
C HIS A 229 -3.94 -21.50 -30.11
N LEU A 230 -4.54 -21.61 -28.92
CA LEU A 230 -3.83 -22.30 -27.81
C LEU A 230 -3.50 -23.72 -28.26
N GLY A 231 -2.29 -24.13 -27.96
CA GLY A 231 -1.73 -25.35 -28.51
C GLY A 231 -2.26 -26.65 -28.00
N GLY A 232 -2.83 -26.70 -26.78
CA GLY A 232 -3.31 -27.95 -26.19
C GLY A 232 -4.81 -28.08 -26.43
N LYS A 233 -5.44 -28.88 -25.60
CA LYS A 233 -6.87 -29.23 -25.75
C LYS A 233 -7.66 -28.11 -25.08
N ASN A 234 -8.48 -27.45 -25.84
CA ASN A 234 -9.21 -26.24 -25.40
C ASN A 234 -10.72 -26.48 -25.33
N THR A 235 -11.33 -25.92 -24.28
CA THR A 235 -12.78 -25.92 -24.01
C THR A 235 -13.25 -24.49 -23.73
N VAL A 236 -14.18 -23.97 -24.51
CA VAL A 236 -14.81 -22.67 -24.22
C VAL A 236 -16.08 -22.84 -23.40
N HIS A 237 -16.13 -22.11 -22.31
CA HIS A 237 -17.35 -22.04 -21.45
C HIS A 237 -17.98 -20.68 -21.68
N TRP A 238 -19.16 -20.67 -22.25
CA TRP A 238 -19.89 -19.39 -22.50
C TRP A 238 -20.73 -19.17 -21.25
N LEU A 239 -20.20 -18.42 -20.32
CA LEU A 239 -20.84 -18.23 -18.98
C LEU A 239 -22.13 -17.45 -19.16
N ASN A 240 -23.14 -17.84 -18.38
CA ASN A 240 -24.41 -17.11 -18.28
C ASN A 240 -24.25 -15.96 -17.28
N ILE A 241 -23.24 -15.09 -17.51
CA ILE A 241 -22.85 -14.02 -16.57
C ILE A 241 -22.48 -12.87 -17.49
N GLU A 242 -22.95 -11.69 -17.20
CA GLU A 242 -22.58 -10.48 -17.99
C GLU A 242 -21.43 -9.73 -17.29
N GLY A 243 -20.46 -9.29 -18.09
CA GLY A 243 -19.37 -8.38 -17.66
C GLY A 243 -18.05 -9.07 -17.39
N HIS A 244 -17.01 -8.25 -17.20
CA HIS A 244 -15.62 -8.74 -17.15
C HIS A 244 -15.23 -9.37 -15.81
N LEU A 245 -15.99 -9.13 -14.72
CA LEU A 245 -15.57 -9.52 -13.39
C LEU A 245 -16.52 -10.49 -12.71
N PRO A 246 -16.72 -11.68 -13.29
CA PRO A 246 -17.72 -12.61 -12.76
C PRO A 246 -17.42 -13.06 -11.33
N HIS A 247 -16.12 -13.05 -10.91
CA HIS A 247 -15.78 -13.44 -9.54
C HIS A 247 -16.34 -12.42 -8.53
N LEU A 248 -16.47 -11.17 -8.94
CA LEU A 248 -17.06 -10.12 -8.13
C LEU A 248 -18.56 -10.08 -8.30
N SER A 249 -19.09 -10.25 -9.47
CA SER A 249 -20.50 -10.00 -9.78
C SER A 249 -21.40 -11.23 -9.66
N ALA A 250 -20.89 -12.44 -9.89
CA ALA A 250 -21.70 -13.68 -9.91
C ALA A 250 -20.88 -14.82 -9.32
N PRO A 251 -20.38 -14.72 -8.07
CA PRO A 251 -19.44 -15.70 -7.52
C PRO A 251 -20.04 -17.12 -7.38
N THR A 252 -21.27 -17.24 -6.95
CA THR A 252 -21.86 -18.59 -6.75
C THR A 252 -21.91 -19.30 -8.07
N LEU A 253 -22.37 -18.65 -9.12
CA LEU A 253 -22.43 -19.33 -10.45
C LEU A 253 -21.03 -19.55 -10.98
N LEU A 254 -20.14 -18.57 -10.83
CA LEU A 254 -18.75 -18.78 -11.35
C LEU A 254 -18.11 -19.95 -10.61
N ALA A 255 -18.30 -20.05 -9.32
CA ALA A 255 -17.72 -21.16 -8.51
C ALA A 255 -18.17 -22.51 -9.03
N GLN A 256 -19.48 -22.64 -9.37
CA GLN A 256 -19.93 -23.95 -9.89
C GLN A 256 -19.34 -24.28 -11.25
N GLU A 257 -19.17 -23.28 -12.12
N GLU A 257 -19.17 -23.29 -12.13
CA GLU A 257 -18.54 -23.49 -13.46
CA GLU A 257 -18.57 -23.50 -13.46
C GLU A 257 -17.08 -23.89 -13.26
C GLU A 257 -17.10 -23.90 -13.27
N LEU A 258 -16.36 -23.23 -12.35
N LEU A 258 -16.39 -23.24 -12.35
CA LEU A 258 -14.95 -23.59 -12.05
CA LEU A 258 -14.97 -23.61 -12.08
C LEU A 258 -14.92 -25.03 -11.57
C LEU A 258 -14.92 -25.04 -11.57
N ARG A 259 -15.82 -25.42 -10.65
CA ARG A 259 -15.83 -26.77 -10.07
C ARG A 259 -15.97 -27.75 -11.24
N ARG A 260 -16.92 -27.52 -12.14
CA ARG A 260 -17.18 -28.39 -13.33
C ARG A 260 -15.91 -28.48 -14.18
N ALA A 261 -15.26 -27.36 -14.50
CA ALA A 261 -14.08 -27.36 -15.37
C ALA A 261 -12.95 -28.17 -14.70
N LEU A 262 -12.81 -28.01 -13.39
CA LEU A 262 -11.69 -28.63 -12.63
C LEU A 262 -11.91 -30.14 -12.51
N SER A 263 -13.15 -30.61 -12.54
CA SER A 263 -13.51 -32.05 -12.56
C SER A 263 -13.15 -32.72 -13.88
N HIS A 264 -13.24 -32.03 -15.03
CA HIS A 264 -13.27 -32.62 -16.40
C HIS A 264 -13.64 -31.53 -17.40
N GLN B 1 1.04 -9.35 16.13
CA GLN B 1 1.75 -10.29 15.14
C GLN B 1 1.21 -10.07 13.71
N THR B 2 -0.09 -10.20 13.45
CA THR B 2 -0.65 -9.66 12.18
C THR B 2 -0.51 -8.12 12.29
N LEU B 3 -0.56 -7.51 13.48
CA LEU B 3 -0.30 -6.05 13.55
C LEU B 3 1.15 -5.76 13.23
N LEU B 4 2.07 -6.55 13.77
CA LEU B 4 3.50 -6.29 13.49
C LEU B 4 3.72 -6.35 11.98
N ASP B 5 3.09 -7.34 11.32
CA ASP B 5 3.24 -7.49 9.84
C ASP B 5 2.58 -6.30 9.15
N ALA B 6 1.42 -5.90 9.61
CA ALA B 6 0.59 -4.86 8.97
C ALA B 6 1.35 -3.55 8.94
N LEU B 7 2.02 -3.24 10.03
CA LEU B 7 2.69 -1.93 10.18
C LEU B 7 4.20 -2.11 10.01
N ASN B 8 4.62 -3.16 9.32
CA ASN B 8 6.02 -3.24 8.83
C ASN B 8 6.99 -3.05 10.00
N VAL B 9 6.71 -3.66 11.14
CA VAL B 9 7.60 -3.53 12.31
C VAL B 9 8.95 -4.18 11.98
N ARG B 10 10.03 -3.50 12.34
CA ARG B 10 11.40 -3.94 12.06
C ARG B 10 12.20 -3.70 13.35
N VAL B 11 13.02 -4.66 13.70
CA VAL B 11 13.92 -4.56 14.86
C VAL B 11 15.32 -4.86 14.33
N VAL B 12 16.25 -3.95 14.46
CA VAL B 12 17.62 -4.04 13.91
C VAL B 12 18.58 -3.52 14.97
N GLY B 13 19.85 -3.83 14.80
CA GLY B 13 20.94 -3.31 15.64
C GLY B 13 21.45 -4.35 16.63
N SER B 14 22.64 -4.13 17.15
CA SER B 14 23.38 -5.12 17.96
C SER B 14 23.30 -4.77 19.43
N GLY B 15 22.77 -3.60 19.77
CA GLY B 15 22.77 -3.12 21.16
C GLY B 15 21.70 -3.76 22.00
N GLU B 16 21.65 -3.39 23.29
CA GLU B 16 20.64 -3.97 24.24
C GLU B 16 19.62 -2.89 24.65
N ARG B 17 20.06 -1.64 24.79
CA ARG B 17 19.19 -0.47 25.02
C ARG B 17 18.23 -0.35 23.83
N VAL B 18 16.95 -0.26 24.13
CA VAL B 18 15.90 -0.18 23.09
C VAL B 18 15.71 1.29 22.73
N LEU B 19 15.68 1.57 21.45
CA LEU B 19 15.39 2.88 20.85
C LEU B 19 14.28 2.77 19.82
N VAL B 20 13.17 3.43 20.04
CA VAL B 20 12.04 3.43 19.08
C VAL B 20 12.16 4.67 18.22
N LEU B 21 12.14 4.50 16.89
CA LEU B 21 12.10 5.64 15.95
C LEU B 21 10.76 5.65 15.22
N ALA B 22 9.96 6.70 15.43
CA ALA B 22 8.59 6.77 14.99
C ALA B 22 8.45 7.98 14.11
N HIS B 23 8.23 7.73 12.83
CA HIS B 23 7.99 8.77 11.82
C HIS B 23 6.68 9.51 12.00
N GLY B 24 6.54 10.61 11.27
CA GLY B 24 5.29 11.41 11.34
C GLY B 24 4.62 11.52 9.99
N PHE B 25 3.91 12.62 9.82
CA PHE B 25 3.02 12.89 8.71
C PHE B 25 3.78 12.86 7.38
N GLY B 26 3.21 12.15 6.43
CA GLY B 26 3.64 12.20 5.01
C GLY B 26 4.78 11.29 4.65
N THR B 27 5.37 10.63 5.64
N THR B 27 5.32 10.54 5.59
CA THR B 27 6.56 9.74 5.46
CA THR B 27 6.44 9.63 5.31
C THR B 27 6.27 8.32 5.95
C THR B 27 6.22 8.25 5.88
N ASP B 28 7.31 7.50 5.99
CA ASP B 28 7.23 6.12 6.55
C ASP B 28 8.54 5.92 7.32
N GLN B 29 8.76 4.72 7.78
CA GLN B 29 10.02 4.42 8.56
C GLN B 29 11.27 4.67 7.71
N SER B 30 11.20 4.70 6.37
CA SER B 30 12.37 4.94 5.49
C SER B 30 12.95 6.33 5.76
N ALA B 31 12.19 7.20 6.38
CA ALA B 31 12.69 8.57 6.70
C ALA B 31 13.85 8.44 7.68
N TRP B 32 13.98 7.35 8.42
CA TRP B 32 15.07 7.15 9.38
C TRP B 32 16.31 6.48 8.71
N ASN B 33 16.27 6.11 7.41
CA ASN B 33 17.30 5.25 6.77
C ASN B 33 18.70 5.85 6.96
N ARG B 34 18.85 7.14 6.84
CA ARG B 34 20.21 7.75 6.97
C ARG B 34 20.66 7.98 8.44
N ILE B 35 19.76 8.06 9.44
CA ILE B 35 20.04 8.11 10.90
C ILE B 35 20.50 6.76 11.36
N LEU B 36 19.85 5.72 10.85
CA LEU B 36 19.95 4.37 11.42
C LEU B 36 21.39 3.94 11.58
N PRO B 37 22.34 4.10 10.61
CA PRO B 37 23.65 3.50 10.75
C PRO B 37 24.33 3.97 12.05
N PHE B 38 23.99 5.16 12.53
CA PHE B 38 24.65 5.77 13.71
C PHE B 38 24.18 5.13 15.02
N PHE B 39 23.15 4.27 14.98
CA PHE B 39 22.60 3.65 16.22
C PHE B 39 22.74 2.12 16.24
N LEU B 40 23.05 1.49 15.13
CA LEU B 40 23.09 -0.01 15.06
C LEU B 40 24.10 -0.65 16.00
N ARG B 41 25.27 -0.06 16.32
CA ARG B 41 26.28 -0.76 17.16
C ARG B 41 25.81 -0.82 18.61
N ASP B 42 25.08 0.21 19.06
CA ASP B 42 24.85 0.59 20.48
C ASP B 42 23.39 0.43 20.92
N TYR B 43 22.43 0.27 20.00
CA TYR B 43 21.00 0.19 20.36
C TYR B 43 20.38 -1.02 19.66
N ARG B 44 19.25 -1.42 20.21
CA ARG B 44 18.28 -2.30 19.53
C ARG B 44 17.19 -1.36 19.04
N VAL B 45 17.15 -1.12 17.72
CA VAL B 45 16.28 -0.10 17.13
C VAL B 45 14.97 -0.75 16.65
N VAL B 46 13.87 -0.13 17.05
CA VAL B 46 12.52 -0.60 16.69
C VAL B 46 11.97 0.49 15.79
N LEU B 47 11.58 0.11 14.56
CA LEU B 47 10.92 1.01 13.61
C LEU B 47 9.56 0.42 13.26
N TYR B 48 8.62 1.29 12.93
CA TYR B 48 7.30 0.84 12.40
C TYR B 48 6.73 1.96 11.56
N ASP B 49 5.73 1.58 10.76
CA ASP B 49 4.93 2.54 9.92
C ASP B 49 3.61 2.84 10.62
N LEU B 50 3.29 4.12 10.81
CA LEU B 50 1.93 4.50 11.20
C LEU B 50 0.95 3.88 10.20
N VAL B 51 -0.28 3.62 10.64
CA VAL B 51 -1.27 3.00 9.72
C VAL B 51 -1.55 3.86 8.50
N CYS B 52 -1.32 5.17 8.57
CA CYS B 52 -1.59 6.07 7.45
C CYS B 52 -0.44 6.09 6.43
N ALA B 53 0.68 5.44 6.71
CA ALA B 53 1.85 5.52 5.82
C ALA B 53 1.44 4.97 4.45
N GLY B 54 2.06 5.55 3.41
CA GLY B 54 1.85 5.07 2.02
C GLY B 54 2.35 3.66 1.80
N SER B 55 3.22 3.14 2.68
CA SER B 55 3.86 1.80 2.59
C SER B 55 2.94 0.73 3.20
N VAL B 56 1.84 1.16 3.84
CA VAL B 56 0.91 0.26 4.55
C VAL B 56 -0.26 0.02 3.60
N ASN B 57 -0.81 -1.19 3.66
CA ASN B 57 -2.04 -1.53 2.91
C ASN B 57 -3.15 -0.56 3.27
N PRO B 58 -3.68 0.26 2.33
CA PRO B 58 -4.71 1.25 2.70
C PRO B 58 -6.02 0.61 3.26
N ASP B 59 -6.24 -0.65 3.01
N ASP B 59 -6.28 -0.66 2.94
CA ASP B 59 -7.45 -1.30 3.56
CA ASP B 59 -7.33 -1.54 3.57
C ASP B 59 -7.36 -1.32 5.11
C ASP B 59 -7.35 -1.26 5.09
N PHE B 60 -6.17 -1.17 5.70
CA PHE B 60 -6.02 -1.14 7.18
C PHE B 60 -6.39 0.22 7.73
N PHE B 61 -6.53 1.25 6.93
CA PHE B 61 -6.88 2.60 7.44
C PHE B 61 -8.39 2.73 7.59
N ASP B 62 -8.87 2.33 8.75
CA ASP B 62 -10.32 2.29 9.04
C ASP B 62 -10.77 3.69 9.52
N PHE B 63 -11.53 4.41 8.70
CA PHE B 63 -12.01 5.79 9.01
C PHE B 63 -12.93 5.76 10.24
N ARG B 64 -13.51 4.62 10.55
CA ARG B 64 -14.45 4.51 11.71
C ARG B 64 -13.61 4.44 12.97
N ARG B 65 -12.37 4.06 12.88
CA ARG B 65 -11.49 3.83 14.05
C ARG B 65 -10.52 4.99 14.28
N TYR B 66 -9.75 5.42 13.29
CA TYR B 66 -8.62 6.33 13.49
C TYR B 66 -9.10 7.78 13.39
N THR B 67 -9.92 8.16 14.37
N THR B 67 -9.94 8.21 14.35
CA THR B 67 -10.66 9.44 14.39
CA THR B 67 -10.58 9.55 14.31
C THR B 67 -9.94 10.53 15.24
C THR B 67 -9.89 10.58 15.22
N THR B 68 -9.01 10.07 16.11
CA THR B 68 -8.18 10.91 16.99
C THR B 68 -6.80 10.25 17.10
N LEU B 69 -5.90 10.84 17.88
CA LEU B 69 -4.59 10.18 18.06
C LEU B 69 -4.70 8.91 18.91
N ASP B 70 -5.72 8.74 19.76
CA ASP B 70 -5.75 7.61 20.72
C ASP B 70 -5.56 6.23 20.06
N PRO B 71 -6.26 5.89 18.96
CA PRO B 71 -6.07 4.61 18.29
C PRO B 71 -4.66 4.39 17.72
N TYR B 72 -3.99 5.46 17.38
CA TYR B 72 -2.55 5.36 16.99
C TYR B 72 -1.71 4.98 18.21
N VAL B 73 -2.01 5.56 19.36
CA VAL B 73 -1.36 5.18 20.64
C VAL B 73 -1.56 3.70 20.86
N ASP B 74 -2.79 3.19 20.67
CA ASP B 74 -3.05 1.78 20.90
C ASP B 74 -2.15 0.93 20.02
N ASP B 75 -2.01 1.30 18.76
CA ASP B 75 -1.13 0.54 17.82
C ASP B 75 0.31 0.51 18.38
N LEU B 76 0.79 1.66 18.82
CA LEU B 76 2.21 1.77 19.29
C LEU B 76 2.39 0.84 20.50
N LEU B 77 1.51 0.95 21.48
CA LEU B 77 1.63 0.14 22.71
C LEU B 77 1.45 -1.35 22.40
N HIS B 78 0.53 -1.70 21.49
CA HIS B 78 0.39 -3.11 21.08
C HIS B 78 1.71 -3.63 20.51
N ILE B 79 2.38 -2.83 19.67
CA ILE B 79 3.68 -3.25 19.08
C ILE B 79 4.70 -3.46 20.20
N LEU B 80 4.86 -2.49 21.11
CA LEU B 80 5.94 -2.60 22.14
C LEU B 80 5.63 -3.78 23.07
N ASP B 81 4.37 -3.97 23.42
CA ASP B 81 3.99 -5.17 24.20
C ASP B 81 4.29 -6.47 23.44
N ALA B 82 3.94 -6.57 22.15
CA ALA B 82 4.17 -7.80 21.36
C ALA B 82 5.68 -8.10 21.29
N LEU B 83 6.51 -7.08 21.25
CA LEU B 83 7.99 -7.21 21.15
C LEU B 83 8.59 -7.44 22.55
N GLY B 84 7.78 -7.43 23.61
CA GLY B 84 8.25 -7.66 24.97
C GLY B 84 9.12 -6.50 25.47
N ILE B 85 8.90 -5.31 24.98
CA ILE B 85 9.66 -4.14 25.44
C ILE B 85 9.04 -3.61 26.73
N ASP B 86 9.79 -3.60 27.82
CA ASP B 86 9.18 -3.00 29.02
C ASP B 86 9.85 -1.67 29.33
N GLN B 87 10.86 -1.23 28.58
CA GLN B 87 11.54 0.05 28.82
C GLN B 87 12.26 0.48 27.54
N CYS B 88 12.07 1.71 27.09
CA CYS B 88 12.77 2.17 25.88
C CYS B 88 12.96 3.68 25.93
N ALA B 89 13.83 4.17 25.08
CA ALA B 89 13.90 5.58 24.68
C ALA B 89 13.10 5.71 23.39
N TYR B 90 12.32 6.75 23.24
CA TYR B 90 11.41 6.91 22.10
C TYR B 90 11.65 8.24 21.42
N VAL B 91 11.81 8.18 20.11
CA VAL B 91 11.98 9.40 19.28
C VAL B 91 10.74 9.47 18.41
N GLY B 92 10.02 10.56 18.50
CA GLY B 92 8.81 10.74 17.68
C GLY B 92 8.91 12.04 16.92
N HIS B 93 8.81 11.96 15.62
CA HIS B 93 8.73 13.11 14.73
C HIS B 93 7.29 13.48 14.47
N SER B 94 6.97 14.80 14.47
CA SER B 94 5.67 15.32 13.97
C SER B 94 4.60 14.69 14.86
N VAL B 95 3.59 14.09 14.25
CA VAL B 95 2.45 13.55 15.03
C VAL B 95 2.94 12.45 15.99
N SER B 96 3.99 11.71 15.64
CA SER B 96 4.53 10.69 16.56
C SER B 96 5.09 11.27 17.84
N ALA B 97 5.41 12.57 17.91
CA ALA B 97 5.81 13.15 19.20
C ALA B 97 4.58 13.12 20.13
N MET B 98 3.43 13.56 19.62
CA MET B 98 2.19 13.63 20.45
C MET B 98 1.71 12.21 20.75
N ILE B 99 1.83 11.30 19.80
CA ILE B 99 1.51 9.87 20.11
C ILE B 99 2.38 9.36 21.26
N GLY B 100 3.68 9.70 21.28
CA GLY B 100 4.56 9.24 22.37
C GLY B 100 4.19 9.90 23.69
N ILE B 101 3.85 11.19 23.65
CA ILE B 101 3.33 11.85 24.85
C ILE B 101 2.16 11.07 25.42
N LEU B 102 1.15 10.83 24.63
CA LEU B 102 -0.04 10.10 25.13
C LEU B 102 0.33 8.72 25.66
N ALA B 103 1.19 8.00 24.93
CA ALA B 103 1.62 6.66 25.34
C ALA B 103 2.29 6.71 26.71
N SER B 104 3.08 7.76 26.98
N SER B 104 3.12 7.73 26.98
CA SER B 104 3.82 7.90 28.26
CA SER B 104 3.82 7.85 28.29
C SER B 104 2.84 8.18 29.40
C SER B 104 2.80 8.10 29.40
N ILE B 105 1.73 8.86 29.11
CA ILE B 105 0.71 9.10 30.15
C ILE B 105 0.02 7.77 30.48
N ARG B 106 -0.22 6.95 29.46
CA ARG B 106 -0.82 5.63 29.65
C ARG B 106 0.11 4.67 30.36
N ARG B 107 1.40 4.73 30.03
N ARG B 107 1.41 4.66 30.03
CA ARG B 107 2.39 3.74 30.48
CA ARG B 107 2.40 3.68 30.55
C ARG B 107 3.61 4.52 30.97
C ARG B 107 3.62 4.48 31.01
N PRO B 108 3.51 5.17 32.16
CA PRO B 108 4.58 6.06 32.62
C PRO B 108 5.93 5.37 32.82
N GLU B 109 5.93 4.02 32.94
N GLU B 109 5.97 4.03 32.97
CA GLU B 109 7.14 3.19 33.22
CA GLU B 109 7.27 3.32 33.20
C GLU B 109 7.84 2.79 31.89
C GLU B 109 7.90 2.85 31.88
N LEU B 110 7.17 2.88 30.76
CA LEU B 110 7.64 2.28 29.48
C LEU B 110 8.77 3.10 28.90
N PHE B 111 8.74 4.42 29.11
CA PHE B 111 9.68 5.32 28.43
C PHE B 111 10.68 5.90 29.45
N SER B 112 11.97 5.73 29.22
CA SER B 112 13.03 6.40 30.02
C SER B 112 13.10 7.88 29.65
N LYS B 113 12.89 8.19 28.38
CA LYS B 113 12.89 9.58 27.89
C LYS B 113 12.23 9.61 26.53
N LEU B 114 11.64 10.74 26.25
CA LEU B 114 11.08 11.07 24.95
C LEU B 114 11.92 12.10 24.28
N ILE B 115 12.21 11.83 23.01
CA ILE B 115 12.86 12.82 22.13
C ILE B 115 11.81 13.21 21.11
N LEU B 116 11.43 14.47 21.14
CA LEU B 116 10.31 15.03 20.29
C LEU B 116 11.00 15.85 19.22
N ILE B 117 10.66 15.61 17.94
CA ILE B 117 11.25 16.36 16.81
C ILE B 117 10.11 16.98 16.02
N GLY B 118 10.18 18.27 15.74
CA GLY B 118 9.10 18.87 14.95
C GLY B 118 7.71 18.77 15.65
N ALA B 119 7.69 18.79 16.98
CA ALA B 119 6.51 18.55 17.84
C ALA B 119 5.71 19.84 18.11
N SER B 120 4.39 19.68 18.03
CA SER B 120 3.45 20.75 18.42
C SER B 120 2.21 20.17 19.06
N PRO B 121 1.73 20.77 20.16
CA PRO B 121 0.47 20.32 20.74
C PRO B 121 -0.75 20.99 20.14
N ARG B 122 -0.56 21.95 19.23
CA ARG B 122 -1.70 22.74 18.71
C ARG B 122 -1.20 23.59 17.56
N PHE B 123 -1.85 23.40 16.39
CA PHE B 123 -1.41 24.14 15.19
C PHE B 123 -2.21 25.41 14.98
N LEU B 124 -3.46 25.45 15.46
CA LEU B 124 -4.33 26.63 15.25
C LEU B 124 -4.02 27.75 16.23
N ASN B 125 -4.06 28.99 15.73
CA ASN B 125 -3.86 30.19 16.55
C ASN B 125 -5.13 30.43 17.37
N ASP B 126 -4.93 30.98 18.55
CA ASP B 126 -6.00 31.72 19.27
C ASP B 126 -5.42 33.02 19.83
N GLU B 127 -6.22 33.78 20.60
CA GLU B 127 -5.77 35.14 20.99
C GLU B 127 -4.56 34.97 21.90
N ASP B 128 -4.46 33.85 22.63
CA ASP B 128 -3.41 33.65 23.67
C ASP B 128 -2.32 32.65 23.23
N TYR B 129 -2.43 32.07 22.06
CA TYR B 129 -1.53 30.95 21.70
C TYR B 129 -1.26 31.03 20.19
N HIS B 130 0.01 31.04 19.78
CA HIS B 130 0.39 31.07 18.36
C HIS B 130 0.80 29.66 17.97
N GLY B 131 0.05 28.99 17.11
CA GLY B 131 0.44 27.65 16.66
C GLY B 131 1.01 27.66 15.27
N GLY B 132 0.76 28.75 14.53
CA GLY B 132 1.30 28.91 13.19
C GLY B 132 0.26 28.93 12.09
N PHE B 133 -0.98 28.63 12.39
CA PHE B 133 -2.02 28.46 11.36
C PHE B 133 -3.31 29.07 11.80
N GLU B 134 -4.00 29.68 10.84
CA GLU B 134 -5.35 30.22 11.01
C GLU B 134 -6.32 29.17 10.50
N GLN B 135 -7.43 28.96 11.20
CA GLN B 135 -8.48 27.96 10.80
C GLN B 135 -8.94 28.18 9.35
N GLY B 136 -9.20 29.42 8.94
CA GLY B 136 -9.65 29.76 7.58
C GLY B 136 -8.63 29.37 6.51
N GLU B 137 -7.35 29.67 6.78
CA GLU B 137 -6.22 29.31 5.89
C GLU B 137 -6.14 27.77 5.71
N ILE B 138 -6.22 26.98 6.80
CA ILE B 138 -6.21 25.49 6.85
C ILE B 138 -7.33 24.94 5.97
N GLU B 139 -8.51 25.53 6.05
CA GLU B 139 -9.69 25.06 5.30
C GLU B 139 -9.34 25.15 3.81
N LYS B 140 -8.73 26.28 3.43
CA LYS B 140 -8.40 26.54 2.01
C LYS B 140 -7.38 25.50 1.56
N VAL B 141 -6.42 25.18 2.42
CA VAL B 141 -5.45 24.09 2.13
C VAL B 141 -6.20 22.76 1.88
N PHE B 142 -7.11 22.36 2.76
CA PHE B 142 -7.91 21.12 2.57
C PHE B 142 -8.62 21.13 1.21
N SER B 143 -9.21 22.27 0.82
CA SER B 143 -9.90 22.39 -0.48
C SER B 143 -8.92 22.16 -1.61
N ALA B 144 -7.73 22.76 -1.53
CA ALA B 144 -6.68 22.65 -2.56
C ALA B 144 -6.25 21.19 -2.66
N MET B 145 -6.07 20.54 -1.53
CA MET B 145 -5.64 19.13 -1.49
C MET B 145 -6.69 18.25 -2.18
N GLU B 146 -7.97 18.49 -1.89
CA GLU B 146 -9.10 17.80 -2.58
C GLU B 146 -9.15 18.10 -4.05
N ALA B 147 -8.92 19.36 -4.43
CA ALA B 147 -9.09 19.77 -5.84
C ALA B 147 -8.02 19.10 -6.70
N ASN B 148 -6.76 19.04 -6.23
CA ASN B 148 -5.61 18.59 -7.03
C ASN B 148 -4.51 18.11 -6.08
N TYR B 149 -4.52 16.81 -5.79
CA TYR B 149 -3.56 16.21 -4.82
C TYR B 149 -2.13 16.46 -5.30
N GLU B 150 -1.87 16.23 -6.59
CA GLU B 150 -0.49 16.36 -7.10
C GLU B 150 0.02 17.78 -6.87
N ALA B 151 -0.74 18.77 -7.30
CA ALA B 151 -0.41 20.20 -7.11
C ALA B 151 -0.13 20.47 -5.64
N TRP B 152 -1.00 20.00 -4.75
CA TRP B 152 -0.84 20.22 -3.30
C TRP B 152 0.52 19.64 -2.82
N VAL B 153 0.82 18.37 -3.15
CA VAL B 153 2.10 17.74 -2.76
C VAL B 153 3.23 18.57 -3.29
N ASN B 154 3.17 19.00 -4.56
CA ASN B 154 4.33 19.67 -5.18
C ASN B 154 4.53 21.05 -4.56
N GLY B 155 3.46 21.69 -4.06
CA GLY B 155 3.59 22.97 -3.37
C GLY B 155 4.04 22.80 -1.94
N PHE B 156 3.61 21.75 -1.26
CA PHE B 156 3.83 21.59 0.18
C PHE B 156 5.21 21.00 0.49
N ALA B 157 5.69 20.06 -0.30
CA ALA B 157 6.94 19.36 0.06
C ALA B 157 8.09 20.35 0.23
N PRO B 158 8.29 21.36 -0.66
CA PRO B 158 9.41 22.28 -0.47
C PRO B 158 9.26 23.12 0.80
N LEU B 159 8.04 23.46 1.18
CA LEU B 159 7.82 24.20 2.44
C LEU B 159 8.18 23.33 3.66
N ALA B 160 7.79 22.07 3.67
CA ALA B 160 8.05 21.11 4.76
C ALA B 160 9.58 20.92 4.89
N VAL B 161 10.26 20.75 3.75
CA VAL B 161 11.74 20.59 3.80
C VAL B 161 12.39 21.89 4.25
N GLY B 162 11.93 23.02 3.71
CA GLY B 162 12.33 24.35 4.14
C GLY B 162 13.64 24.78 3.48
N ALA B 163 14.72 24.16 3.92
CA ALA B 163 16.04 24.34 3.31
C ALA B 163 16.01 23.89 1.85
N ASP B 164 16.96 24.39 1.09
CA ASP B 164 17.10 24.06 -0.34
C ASP B 164 17.86 22.73 -0.46
N VAL B 165 17.12 21.66 -0.22
CA VAL B 165 17.69 20.28 -0.21
C VAL B 165 16.84 19.44 -1.17
N PRO B 166 17.09 19.55 -2.48
CA PRO B 166 16.19 18.95 -3.47
C PRO B 166 15.99 17.44 -3.33
N ALA B 167 17.00 16.73 -2.83
CA ALA B 167 16.84 15.26 -2.64
C ALA B 167 15.74 15.00 -1.60
N ALA B 168 15.69 15.83 -0.56
CA ALA B 168 14.75 15.66 0.54
C ALA B 168 13.33 16.04 0.06
N VAL B 169 13.21 17.06 -0.78
CA VAL B 169 11.90 17.43 -1.41
C VAL B 169 11.37 16.25 -2.23
N ARG B 170 12.21 15.63 -3.06
CA ARG B 170 11.78 14.53 -3.92
C ARG B 170 11.44 13.34 -3.04
N GLU B 171 12.18 13.11 -1.99
CA GLU B 171 11.89 11.95 -1.11
C GLU B 171 10.56 12.08 -0.32
N PHE B 172 10.30 13.24 0.23
CA PHE B 172 9.06 13.50 0.97
C PHE B 172 7.90 13.45 0.00
N SER B 173 8.04 14.03 -1.18
CA SER B 173 6.98 13.96 -2.23
C SER B 173 6.69 12.50 -2.54
N ARG B 174 7.75 11.69 -2.67
CA ARG B 174 7.59 10.27 -3.04
C ARG B 174 6.64 9.56 -2.05
N THR B 175 6.88 9.75 -0.75
CA THR B 175 6.10 9.07 0.28
C THR B 175 4.70 9.69 0.37
N LEU B 176 4.56 10.98 0.20
CA LEU B 176 3.20 11.59 0.08
C LEU B 176 2.44 11.00 -1.09
N PHE B 177 3.08 10.76 -2.24
CA PHE B 177 2.37 10.28 -3.44
C PHE B 177 2.00 8.79 -3.24
N ASN B 178 2.57 8.11 -2.26
CA ASN B 178 2.19 6.70 -1.98
C ASN B 178 0.91 6.66 -1.17
N MET B 179 0.51 7.77 -0.54
N MET B 179 0.42 7.80 -0.69
CA MET B 179 -0.67 7.82 0.38
CA MET B 179 -0.76 7.83 0.24
C MET B 179 -1.95 8.05 -0.46
C MET B 179 -2.02 8.08 -0.53
N ARG B 180 -3.04 7.29 -0.21
CA ARG B 180 -4.33 7.47 -0.89
C ARG B 180 -4.86 8.86 -0.49
N PRO B 181 -5.27 9.71 -1.45
CA PRO B 181 -5.46 11.12 -1.11
C PRO B 181 -6.51 11.38 -0.02
N ASP B 182 -7.56 10.53 0.02
CA ASP B 182 -8.60 10.69 1.09
C ASP B 182 -8.03 10.31 2.44
N ILE B 183 -7.04 9.41 2.52
CA ILE B 183 -6.36 9.11 3.81
C ILE B 183 -5.53 10.33 4.19
N THR B 184 -4.77 10.89 3.25
CA THR B 184 -3.95 12.06 3.56
C THR B 184 -4.85 13.19 4.10
N LEU B 185 -5.97 13.44 3.46
CA LEU B 185 -6.85 14.56 3.89
C LEU B 185 -7.40 14.27 5.29
N PHE B 186 -7.84 13.05 5.54
CA PHE B 186 -8.45 12.69 6.84
C PHE B 186 -7.40 12.83 7.95
N VAL B 187 -6.17 12.39 7.70
CA VAL B 187 -5.09 12.50 8.70
C VAL B 187 -4.74 13.98 8.89
N SER B 188 -4.74 14.74 7.81
CA SER B 188 -4.45 16.21 7.90
C SER B 188 -5.50 16.87 8.82
N ARG B 189 -6.74 16.44 8.71
CA ARG B 189 -7.78 17.02 9.63
C ARG B 189 -7.52 16.57 11.06
N THR B 190 -7.10 15.32 11.27
CA THR B 190 -6.74 14.80 12.62
C THR B 190 -5.65 15.67 13.23
N VAL B 191 -4.62 15.90 12.43
CA VAL B 191 -3.50 16.76 12.87
C VAL B 191 -3.99 18.16 13.25
N PHE B 192 -4.67 18.88 12.35
CA PHE B 192 -5.06 20.31 12.59
C PHE B 192 -6.11 20.43 13.68
N ASN B 193 -6.90 19.40 13.89
CA ASN B 193 -7.93 19.40 14.97
C ASN B 193 -7.32 19.03 16.30
N SER B 194 -6.11 18.53 16.35
CA SER B 194 -5.48 18.07 17.61
C SER B 194 -5.37 19.21 18.59
N ASP B 195 -5.44 18.91 19.87
CA ASP B 195 -5.14 19.90 20.91
C ASP B 195 -4.67 19.12 22.12
N MET B 196 -3.38 19.02 22.24
CA MET B 196 -2.72 18.26 23.31
C MET B 196 -2.36 19.21 24.48
N ARG B 197 -2.74 20.50 24.46
CA ARG B 197 -2.32 21.45 25.51
C ARG B 197 -2.73 21.01 26.92
N GLY B 198 -3.93 20.50 27.06
CA GLY B 198 -4.49 20.12 28.38
C GLY B 198 -3.83 18.90 28.99
N VAL B 199 -3.11 18.08 28.24
CA VAL B 199 -2.49 16.84 28.79
C VAL B 199 -0.99 17.00 29.03
N LEU B 200 -0.34 18.07 28.53
CA LEU B 200 1.13 18.14 28.62
C LEU B 200 1.62 18.04 30.05
N GLY B 201 0.90 18.62 31.01
CA GLY B 201 1.34 18.57 32.42
C GLY B 201 1.27 17.20 33.02
N LEU B 202 0.52 16.29 32.40
CA LEU B 202 0.40 14.91 32.92
C LEU B 202 1.68 14.11 32.65
N VAL B 203 2.55 14.56 31.74
CA VAL B 203 3.77 13.76 31.35
C VAL B 203 4.79 13.91 32.48
N LYS B 204 5.40 12.78 32.88
CA LYS B 204 6.42 12.84 33.95
C LYS B 204 7.80 12.42 33.49
N VAL B 205 7.91 11.80 32.32
N VAL B 205 7.94 11.82 32.31
CA VAL B 205 9.16 11.36 31.66
CA VAL B 205 9.26 11.41 31.83
C VAL B 205 9.89 12.61 31.21
C VAL B 205 9.91 12.64 31.26
N PRO B 206 11.23 12.64 31.28
CA PRO B 206 11.97 13.73 30.66
C PRO B 206 11.79 13.76 29.14
N CYS B 207 11.69 15.01 28.62
CA CYS B 207 11.50 15.28 27.19
C CYS B 207 12.66 16.15 26.71
N HIS B 208 13.30 15.71 25.62
CA HIS B 208 14.18 16.56 24.81
C HIS B 208 13.37 17.03 23.63
N ILE B 209 13.28 18.33 23.45
CA ILE B 209 12.48 18.99 22.42
C ILE B 209 13.44 19.50 21.35
N PHE B 210 13.51 18.78 20.23
CA PHE B 210 14.39 19.13 19.09
C PHE B 210 13.59 20.08 18.19
N GLN B 211 14.10 21.32 18.07
CA GLN B 211 13.42 22.37 17.28
C GLN B 211 14.41 22.88 16.26
N THR B 212 14.01 22.81 15.03
CA THR B 212 14.81 23.32 13.91
C THR B 212 14.51 24.81 13.70
N ALA B 213 15.27 25.43 12.82
CA ALA B 213 15.10 26.86 12.50
C ALA B 213 14.09 26.92 11.34
N ARG B 214 13.27 27.94 11.34
CA ARG B 214 12.29 28.25 10.29
C ARG B 214 11.48 27.00 9.92
N ASP B 215 10.88 26.36 10.92
CA ASP B 215 10.06 25.15 10.75
C ASP B 215 8.65 25.64 10.41
N HIS B 216 8.22 25.43 9.16
CA HIS B 216 6.89 25.90 8.67
C HIS B 216 5.75 25.33 9.53
N SER B 217 5.92 24.14 10.09
CA SER B 217 4.86 23.48 10.91
C SER B 217 4.86 23.87 12.39
N VAL B 218 5.99 24.42 12.87
CA VAL B 218 6.22 24.61 14.32
C VAL B 218 6.96 25.93 14.54
N PRO B 219 6.26 27.00 14.98
CA PRO B 219 6.95 28.22 15.42
C PRO B 219 7.88 27.91 16.60
N ALA B 220 8.96 28.70 16.70
CA ALA B 220 9.92 28.56 17.80
C ALA B 220 9.18 28.67 19.15
N SER B 221 8.17 29.52 19.19
CA SER B 221 7.43 29.78 20.44
C SER B 221 6.72 28.50 20.90
N VAL B 222 6.39 27.59 19.99
CA VAL B 222 5.71 26.33 20.40
C VAL B 222 6.72 25.43 21.08
N ALA B 223 8.01 25.42 20.68
CA ALA B 223 9.01 24.56 21.36
C ALA B 223 9.14 25.10 22.79
N THR B 224 9.18 26.43 22.94
CA THR B 224 9.21 27.06 24.25
C THR B 224 7.98 26.67 25.09
N TYR B 225 6.82 26.70 24.46
CA TYR B 225 5.56 26.31 25.13
C TYR B 225 5.64 24.85 25.62
N LEU B 226 6.16 23.93 24.81
CA LEU B 226 6.34 22.53 25.26
C LEU B 226 7.28 22.50 26.47
N LYS B 227 8.34 23.26 26.39
CA LYS B 227 9.38 23.27 27.46
C LYS B 227 8.76 23.73 28.77
N ASN B 228 7.80 24.66 28.71
CA ASN B 228 7.20 25.25 29.91
C ASN B 228 6.04 24.39 30.43
N HIS B 229 5.40 23.56 29.61
CA HIS B 229 4.11 22.90 29.97
C HIS B 229 4.20 21.38 30.09
N LEU B 230 5.15 20.72 29.43
CA LEU B 230 5.37 19.28 29.67
C LEU B 230 5.74 19.10 31.13
N GLY B 231 5.16 18.10 31.76
CA GLY B 231 5.25 17.97 33.23
C GLY B 231 6.60 17.53 33.74
N GLY B 232 7.42 16.82 32.97
CA GLY B 232 8.70 16.32 33.44
C GLY B 232 9.83 17.31 33.14
N LYS B 233 11.05 16.86 33.27
CA LYS B 233 12.21 17.74 32.99
C LYS B 233 12.45 17.88 31.51
N ASN B 234 12.38 19.10 31.04
CA ASN B 234 12.46 19.37 29.60
C ASN B 234 13.73 20.11 29.26
N THR B 235 14.28 19.76 28.06
CA THR B 235 15.49 20.36 27.47
C THR B 235 15.13 20.68 26.01
N VAL B 236 15.34 21.92 25.58
CA VAL B 236 15.23 22.29 24.14
C VAL B 236 16.60 22.21 23.50
N HIS B 237 16.61 21.55 22.36
CA HIS B 237 17.81 21.52 21.47
C HIS B 237 17.49 22.36 20.25
N TRP B 238 18.11 23.54 20.14
CA TRP B 238 17.92 24.47 19.00
C TRP B 238 18.87 24.00 17.89
N LEU B 239 18.39 23.13 17.03
CA LEU B 239 19.23 22.46 16.00
C LEU B 239 19.67 23.48 15.00
N ASN B 240 20.92 23.39 14.59
CA ASN B 240 21.47 24.17 13.47
C ASN B 240 21.06 23.54 12.13
N ILE B 241 19.74 23.43 11.91
CA ILE B 241 19.12 22.71 10.75
C ILE B 241 17.87 23.48 10.42
N GLU B 242 17.71 23.92 9.21
CA GLU B 242 16.47 24.60 8.79
C GLU B 242 15.43 23.57 8.27
N GLY B 243 14.16 23.74 8.65
CA GLY B 243 13.05 22.99 8.09
C GLY B 243 12.48 21.94 9.02
N HIS B 244 11.36 21.40 8.64
CA HIS B 244 10.60 20.47 9.49
C HIS B 244 11.10 19.02 9.45
N LEU B 245 11.89 18.62 8.43
CA LEU B 245 12.26 17.20 8.23
C LEU B 245 13.77 17.00 8.33
N PRO B 246 14.38 17.25 9.50
CA PRO B 246 15.85 17.14 9.61
C PRO B 246 16.35 15.71 9.36
N HIS B 247 15.52 14.68 9.62
CA HIS B 247 15.93 13.29 9.35
C HIS B 247 16.12 13.04 7.84
N LEU B 248 15.39 13.76 7.01
CA LEU B 248 15.55 13.73 5.57
C LEU B 248 16.61 14.70 5.10
N SER B 249 16.71 15.91 5.65
CA SER B 249 17.51 17.01 5.07
C SER B 249 18.91 17.09 5.70
N ALA B 250 19.13 16.71 6.95
CA ALA B 250 20.41 16.84 7.66
C ALA B 250 20.61 15.65 8.59
N PRO B 251 20.63 14.39 8.08
CA PRO B 251 20.68 13.21 8.93
C PRO B 251 21.97 13.12 9.78
N THR B 252 23.13 13.47 9.25
CA THR B 252 24.41 13.28 9.98
C THR B 252 24.31 14.17 11.23
N LEU B 253 23.92 15.42 11.05
CA LEU B 253 23.85 16.36 12.19
C LEU B 253 22.74 15.96 13.11
N LEU B 254 21.59 15.56 12.59
CA LEU B 254 20.50 15.14 13.50
C LEU B 254 20.94 13.92 14.31
N ALA B 255 21.65 12.97 13.69
CA ALA B 255 22.06 11.75 14.41
C ALA B 255 23.00 12.11 15.56
N GLN B 256 23.92 13.06 15.37
CA GLN B 256 24.85 13.40 16.46
C GLN B 256 24.12 14.09 17.62
N GLU B 257 23.08 14.90 17.34
CA GLU B 257 22.30 15.56 18.40
C GLU B 257 21.47 14.49 19.12
N LEU B 258 20.91 13.54 18.38
CA LEU B 258 20.14 12.43 19.02
C LEU B 258 21.07 11.67 19.96
N ARG B 259 22.28 11.31 19.49
CA ARG B 259 23.23 10.58 20.34
C ARG B 259 23.46 11.36 21.64
N ARG B 260 23.71 12.66 21.56
CA ARG B 260 23.95 13.55 22.73
C ARG B 260 22.74 13.51 23.66
N ALA B 261 21.51 13.63 23.11
CA ALA B 261 20.32 13.66 23.97
C ALA B 261 20.20 12.32 24.68
N LEU B 262 20.48 11.24 23.97
CA LEU B 262 20.27 9.88 24.52
C LEU B 262 21.32 9.58 25.59
N SER B 263 22.51 10.16 25.52
CA SER B 263 23.58 9.93 26.52
C SER B 263 23.32 10.77 27.78
N HIS B 264 22.55 11.87 27.71
CA HIS B 264 22.43 12.93 28.75
C HIS B 264 21.31 13.90 28.34
O4 LM7 C . -10.44 -4.82 -15.66
N2 LM7 C . -9.62 -5.61 -16.17
O3 LM7 C . -9.20 -6.77 -15.52
C6 LM7 C . -9.15 -5.24 -17.49
C5 LM7 C . -8.47 -6.17 -18.40
O2 LM7 C . -8.18 -7.43 -18.08
C4 LM7 C . -8.03 -5.69 -19.64
C3 LM7 C . -8.29 -4.43 -20.10
C7 LM7 C . -9.36 -3.95 -17.99
C2 LM7 C . -8.93 -3.51 -19.25
N1 LM7 C . -9.24 -2.18 -19.59
C1 LM7 C . -10.36 -1.87 -20.35
O1 LM7 C . -11.12 -2.79 -20.78
N LM7 C . -10.71 -0.60 -20.65
C8 LM7 C . -8.35 -1.16 -19.04
C13 LM7 C . -8.75 0.20 -19.33
C LM7 C . -9.97 0.40 -20.13
O LM7 C . -10.36 1.56 -20.41
C12 LM7 C . -7.92 1.22 -18.76
C11 LM7 C . -6.83 0.86 -18.05
C10 LM7 C . -6.43 -0.45 -17.75
C9 LM7 C . -7.24 -1.45 -18.27
C1 GOL D . -10.38 -12.27 -33.08
O1 GOL D . -11.23 -11.38 -32.36
C2 GOL D . -10.70 -12.24 -34.56
O2 GOL D . -10.20 -11.03 -35.12
C3 GOL D . -10.16 -13.41 -35.36
O3 GOL D . -11.00 -13.72 -36.47
C ACT E . 6.95 -12.64 -24.37
O ACT E . 7.34 -12.41 -25.53
OXT ACT E . 5.83 -12.24 -23.96
CH3 ACT E . 7.86 -13.40 -23.47
O4 LM7 F . 4.90 17.28 7.55
N2 LM7 F . 4.57 17.21 8.75
O3 LM7 F . 5.35 16.41 9.54
C6 LM7 F . 3.58 18.09 9.24
C5 LM7 F . 3.21 18.21 10.67
O2 LM7 F . 3.85 17.45 11.55
C4 LM7 F . 2.20 19.13 11.01
C3 LM7 F . 1.55 19.90 10.07
C7 LM7 F . 2.93 18.89 8.36
C2 LM7 F . 1.93 19.82 8.69
N1 LM7 F . 1.32 20.60 7.73
C1 LM7 F . 1.74 21.94 7.52
O1 LM7 F . 2.71 22.32 8.22
N LM7 F . 1.19 22.72 6.59
C8 LM7 F . 0.29 20.07 6.89
C13 LM7 F . -0.30 20.95 5.89
C LM7 F . 0.24 22.32 5.76
O LM7 F . -0.19 23.13 4.93
C12 LM7 F . -1.33 20.44 5.09
C11 LM7 F . -1.74 19.15 5.32
C10 LM7 F . -1.19 18.30 6.27
C9 LM7 F . -0.17 18.78 7.09
C1 PEG G . 9.83 -8.49 14.76
O1 PEG G . 11.17 -8.91 15.03
C2 PEG G . 9.54 -8.48 13.30
O2 PEG G . 8.20 -8.93 13.09
C3 PEG G . 7.79 -8.82 11.73
C4 PEG G . 6.89 -7.64 11.59
O4 PEG G . 7.13 -6.90 10.40
C1 GOL H . 2.81 31.01 23.79
O1 GOL H . 2.33 32.30 24.15
C2 GOL H . 2.35 30.59 22.42
O2 GOL H . 2.25 31.73 21.54
C3 GOL H . 3.21 29.46 21.89
O3 GOL H . 3.56 29.56 20.50
#